data_7KQJ
#
_entry.id   7KQJ
#
_cell.length_a   63.809
_cell.length_b   63.809
_cell.length_c   159.923
_cell.angle_alpha   90.00
_cell.angle_beta   90.00
_cell.angle_gamma   90.00
#
_symmetry.space_group_name_H-M   'P 41 21 2'
#
loop_
_entity.id
_entity.type
_entity.pdbx_description
1 polymer 'Nuclear receptor ROR-gamma'
2 non-polymer N-[(3R,3aS,9bS)-9b-[(4-fluorophenyl)sulfonyl]-7-(1,1,1,2,3,3,3-heptafluoropropan-2-yl)-2,3,3a,4,5,9b-hexahydro-1H-cyclopenta[a]naphthalen-3-yl]-2-hydroxy-2-methylpropanamide
3 water water
#
_entity_poly.entity_id   1
_entity_poly.type   'polypeptide(L)'
_entity_poly.pdbx_seq_one_letter_code
;MGSSHHHHHHSSGLVPRGSHMASLTEIEHLVQSVCKSYRETCQLRLEDLLRQRSNIFSREEVTGYQRKSMWEMWERCAHH
LTEAIQYVVEFAKRLSGFMELCQNDQIVLLKAGAMEVVLVRMCRAYNADNRTVFFEGKYGGMELFRALGCSELISSIFDF
SHSLSALHFSEDEIALYTALVLINAHRPGLQEKRKVEQLQYNLELAFHHHLCKTHRQSILAKLPPKGKLRSLCSQHVERL
QIFQHLHPIVVQAAFPPLYKELFSTSGGSGGLTERHKILHRLLQE
;
_entity_poly.pdbx_strand_id   A
#
loop_
_chem_comp.id
_chem_comp.type
_chem_comp.name
_chem_comp.formula
Z8G non-polymer N-[(3R,3aS,9bS)-9b-[(4-fluorophenyl)sulfonyl]-7-(1,1,1,2,3,3,3-heptafluoropropan-2-yl)-2,3,3a,4,5,9b-hexahydro-1H-cyclopenta[a]naphthalen-3-yl]-2-hydroxy-2-methylpropanamide 'C26 H25 F8 N O4 S'
#
# COMPACT_ATOMS: atom_id res chain seq x y z
N MET A 21 -26.32 -10.27 6.30
CA MET A 21 -26.87 -10.25 7.65
C MET A 21 -27.08 -8.81 8.12
N ALA A 22 -25.98 -8.00 8.18
CA ALA A 22 -25.88 -6.58 8.60
C ALA A 22 -27.05 -5.66 8.24
N SER A 23 -27.37 -4.73 9.12
CA SER A 23 -28.43 -3.74 8.91
C SER A 23 -27.83 -2.32 8.78
N LEU A 24 -28.67 -1.28 8.57
CA LEU A 24 -28.18 0.10 8.60
C LEU A 24 -27.88 0.45 10.08
N THR A 25 -27.06 1.49 10.32
CA THR A 25 -26.54 1.92 11.64
C THR A 25 -25.44 0.91 12.05
N GLU A 26 -25.65 -0.39 11.82
CA GLU A 26 -24.66 -1.46 12.03
C GLU A 26 -23.58 -1.32 10.93
N ILE A 27 -24.04 -1.07 9.69
CA ILE A 27 -23.22 -0.81 8.50
C ILE A 27 -22.60 0.62 8.57
N GLU A 28 -23.20 1.54 9.33
CA GLU A 28 -22.69 2.89 9.50
C GLU A 28 -21.59 2.91 10.56
N HIS A 29 -21.71 2.06 11.62
CA HIS A 29 -20.68 1.92 12.64
C HIS A 29 -19.44 1.35 11.96
N LEU A 30 -19.59 0.35 11.07
CA LEU A 30 -18.47 -0.22 10.32
C LEU A 30 -17.64 0.86 9.59
N VAL A 31 -18.29 1.86 8.94
CA VAL A 31 -17.60 2.94 8.23
C VAL A 31 -16.70 3.70 9.21
N GLN A 32 -17.24 4.04 10.37
CA GLN A 32 -16.49 4.75 11.40
C GLN A 32 -15.34 3.90 11.96
N SER A 33 -15.60 2.60 12.15
CA SER A 33 -14.61 1.68 12.68
C SER A 33 -13.47 1.39 11.70
N VAL A 34 -13.75 1.44 10.39
CA VAL A 34 -12.72 1.19 9.36
C VAL A 34 -11.88 2.46 9.12
N CYS A 35 -12.47 3.64 9.30
CA CYS A 35 -11.74 4.88 9.17
C CYS A 35 -10.79 5.06 10.37
N LYS A 36 -11.26 4.67 11.60
CA LYS A 36 -10.44 4.77 12.81
C LYS A 36 -9.20 3.91 12.70
N SER A 37 -9.36 2.64 12.26
CA SER A 37 -8.25 1.69 12.08
C SER A 37 -7.21 2.24 11.10
N TYR A 38 -7.68 2.89 10.04
CA TYR A 38 -6.79 3.46 9.06
C TYR A 38 -6.07 4.70 9.63
N ARG A 39 -6.79 5.62 10.30
CA ARG A 39 -6.22 6.83 10.90
C ARG A 39 -5.05 6.47 11.82
N GLU A 40 -5.26 5.42 12.65
CA GLU A 40 -4.29 4.92 13.60
C GLU A 40 -3.05 4.39 12.89
N THR A 41 -3.23 3.45 11.99
CA THR A 41 -2.13 2.80 11.31
C THR A 41 -1.63 3.57 10.12
N CYS A 42 -1.57 4.87 10.25
CA CYS A 42 -1.00 5.74 9.22
C CYS A 42 0.51 5.84 9.48
N GLN A 43 1.33 5.68 8.43
CA GLN A 43 2.79 5.80 8.62
C GLN A 43 3.15 7.28 8.86
N LEU A 44 2.55 8.16 8.06
CA LEU A 44 2.73 9.62 8.12
C LEU A 44 1.38 10.29 8.18
N ARG A 45 1.27 11.39 8.93
CA ARG A 45 0.01 12.12 9.02
C ARG A 45 -0.17 12.94 7.75
N LEU A 46 -1.37 12.91 7.15
CA LEU A 46 -1.70 13.60 5.90
C LEU A 46 -1.43 15.12 5.98
N GLU A 47 -1.65 15.69 7.17
CA GLU A 47 -1.50 17.11 7.44
C GLU A 47 -0.04 17.53 7.37
N ASP A 48 0.86 16.69 7.94
CA ASP A 48 2.32 16.86 7.93
C ASP A 48 2.95 16.58 6.56
N LEU A 49 2.26 15.81 5.72
CA LEU A 49 2.71 15.47 4.37
C LEU A 49 2.45 16.64 3.45
N LEU A 50 1.27 17.26 3.54
CA LEU A 50 0.96 18.43 2.72
C LEU A 50 1.78 19.67 3.19
N ARG A 51 2.23 19.68 4.46
CA ARG A 51 3.04 20.73 5.03
C ARG A 51 4.47 20.72 4.42
N GLN A 52 5.01 19.52 4.17
CA GLN A 52 6.36 19.38 3.65
C GLN A 52 6.46 19.45 2.13
N ARG A 53 5.37 19.79 1.41
CA ARG A 53 5.40 19.79 -0.06
C ARG A 53 6.46 20.72 -0.68
N SER A 54 6.80 21.78 0.05
CA SER A 54 7.76 22.83 -0.31
C SER A 54 9.24 22.45 -0.06
N ASN A 55 9.49 21.30 0.58
CA ASN A 55 10.82 20.81 0.95
C ASN A 55 11.40 19.91 -0.16
N ILE A 56 11.50 20.43 -1.38
CA ILE A 56 12.02 19.66 -2.51
C ILE A 56 13.53 19.52 -2.47
N PHE A 57 14.04 18.29 -2.67
CA PHE A 57 15.48 17.99 -2.68
C PHE A 57 16.21 18.85 -3.71
N SER A 58 17.42 19.33 -3.37
CA SER A 58 18.23 20.11 -4.29
C SER A 58 18.78 19.25 -5.43
N ARG A 59 19.13 19.86 -6.58
CA ARG A 59 19.70 19.11 -7.70
C ARG A 59 20.98 18.35 -7.29
N GLU A 60 21.66 18.78 -6.20
CA GLU A 60 22.86 18.15 -5.65
C GLU A 60 22.47 16.90 -4.85
N GLU A 61 21.47 17.02 -3.97
CA GLU A 61 20.95 15.92 -3.15
C GLU A 61 20.41 14.79 -4.05
N VAL A 62 19.77 15.16 -5.17
CA VAL A 62 19.23 14.25 -6.16
C VAL A 62 20.38 13.43 -6.77
N THR A 63 21.45 14.12 -7.15
CA THR A 63 22.67 13.57 -7.72
C THR A 63 23.37 12.60 -6.79
N GLY A 64 23.27 12.85 -5.49
CA GLY A 64 23.80 11.98 -4.44
C GLY A 64 23.15 10.62 -4.52
N TYR A 65 21.80 10.59 -4.61
CA TYR A 65 20.98 9.38 -4.72
C TYR A 65 21.24 8.66 -6.03
N GLN A 66 21.33 9.42 -7.13
CA GLN A 66 21.62 8.85 -8.43
C GLN A 66 23.02 8.22 -8.43
N ARG A 67 23.98 8.77 -7.67
CA ARG A 67 25.33 8.22 -7.62
C ARG A 67 25.54 7.10 -6.57
N LYS A 68 24.46 6.70 -5.85
CA LYS A 68 24.55 5.59 -4.90
C LYS A 68 24.63 4.28 -5.66
N SER A 69 25.23 3.26 -5.03
CA SER A 69 25.32 1.94 -5.63
C SER A 69 23.92 1.34 -5.76
N MET A 70 23.67 0.55 -6.82
CA MET A 70 22.35 -0.04 -7.03
C MET A 70 21.87 -0.85 -5.86
N TRP A 71 22.76 -1.63 -5.23
CA TRP A 71 22.37 -2.43 -4.09
C TRP A 71 22.15 -1.63 -2.81
N GLU A 72 22.82 -0.49 -2.67
CA GLU A 72 22.60 0.37 -1.49
C GLU A 72 21.24 1.10 -1.65
N MET A 73 20.85 1.43 -2.89
CA MET A 73 19.57 2.06 -3.13
C MET A 73 18.46 1.05 -2.92
N TRP A 74 18.64 -0.17 -3.46
CA TRP A 74 17.67 -1.23 -3.34
C TRP A 74 17.44 -1.63 -1.91
N GLU A 75 18.48 -1.67 -1.07
CA GLU A 75 18.28 -2.05 0.33
C GLU A 75 17.66 -0.90 1.16
N ARG A 76 17.90 0.35 0.72
CA ARG A 76 17.32 1.53 1.34
C ARG A 76 15.80 1.55 1.05
N CYS A 77 15.42 1.16 -0.18
CA CYS A 77 14.04 1.07 -0.62
C CYS A 77 13.33 -0.14 -0.06
N ALA A 78 14.06 -1.27 0.12
CA ALA A 78 13.49 -2.48 0.68
C ALA A 78 13.12 -2.25 2.12
N HIS A 79 13.96 -1.53 2.86
CA HIS A 79 13.71 -1.20 4.25
C HIS A 79 12.45 -0.29 4.36
N HIS A 80 12.30 0.63 3.41
CA HIS A 80 11.15 1.53 3.42
C HIS A 80 9.88 0.83 3.11
N LEU A 81 9.90 -0.11 2.15
CA LEU A 81 8.72 -0.91 1.82
C LEU A 81 8.35 -1.78 3.03
N THR A 82 9.33 -2.46 3.68
CA THR A 82 9.06 -3.26 4.87
C THR A 82 8.41 -2.45 5.96
N GLU A 83 8.95 -1.27 6.28
CA GLU A 83 8.36 -0.39 7.29
C GLU A 83 6.88 -0.08 7.00
N ALA A 84 6.56 0.21 5.72
CA ALA A 84 5.20 0.54 5.25
C ALA A 84 4.27 -0.66 5.34
N ILE A 85 4.77 -1.84 4.95
CA ILE A 85 4.03 -3.09 5.00
C ILE A 85 3.70 -3.42 6.45
N GLN A 86 4.62 -3.11 7.40
CA GLN A 86 4.41 -3.35 8.83
C GLN A 86 3.24 -2.53 9.38
N TYR A 87 2.96 -1.34 8.81
CA TYR A 87 1.81 -0.54 9.21
C TYR A 87 0.50 -1.17 8.68
N VAL A 88 0.55 -1.75 7.47
CA VAL A 88 -0.55 -2.43 6.81
C VAL A 88 -0.94 -3.69 7.59
N VAL A 89 0.03 -4.38 8.17
CA VAL A 89 -0.23 -5.53 9.02
C VAL A 89 -1.00 -5.04 10.27
N GLU A 90 -0.58 -3.94 10.86
CA GLU A 90 -1.24 -3.37 12.03
C GLU A 90 -2.65 -2.93 11.71
N PHE A 91 -2.87 -2.40 10.48
CA PHE A 91 -4.16 -1.96 9.98
C PHE A 91 -5.06 -3.15 9.89
N ALA A 92 -4.57 -4.24 9.23
CA ALA A 92 -5.27 -5.53 9.09
C ALA A 92 -5.70 -6.04 10.47
N LYS A 93 -4.79 -6.01 11.48
CA LYS A 93 -5.11 -6.42 12.84
C LYS A 93 -6.33 -5.67 13.39
N ARG A 94 -6.31 -4.34 13.32
CA ARG A 94 -7.44 -3.54 13.79
C ARG A 94 -8.66 -3.55 12.86
N LEU A 95 -8.57 -4.21 11.71
CA LEU A 95 -9.69 -4.29 10.75
C LEU A 95 -10.78 -5.21 11.26
N SER A 96 -11.99 -4.65 11.40
CA SER A 96 -13.18 -5.33 11.90
C SER A 96 -13.45 -6.66 11.20
N GLY A 97 -13.28 -7.76 11.93
CA GLY A 97 -13.52 -9.09 11.39
C GLY A 97 -12.28 -9.79 10.88
N PHE A 98 -11.20 -9.05 10.59
CA PHE A 98 -9.97 -9.67 10.07
C PHE A 98 -9.34 -10.61 11.07
N MET A 99 -9.10 -10.14 12.32
CA MET A 99 -8.48 -11.02 13.31
C MET A 99 -9.48 -12.14 13.76
N GLU A 100 -10.80 -11.98 13.45
CA GLU A 100 -11.83 -13.00 13.66
C GLU A 100 -11.78 -14.12 12.57
N LEU A 101 -10.86 -14.04 11.58
CA LEU A 101 -10.65 -15.09 10.57
C LEU A 101 -9.59 -16.12 11.08
N CYS A 102 -9.33 -17.20 10.32
CA CYS A 102 -8.31 -18.18 10.69
C CYS A 102 -6.94 -17.62 10.34
N GLN A 103 -5.88 -18.11 10.99
CA GLN A 103 -4.53 -17.60 10.75
C GLN A 103 -4.04 -17.89 9.34
N ASN A 104 -4.50 -18.99 8.69
CA ASN A 104 -4.06 -19.29 7.32
C ASN A 104 -4.51 -18.20 6.37
N ASP A 105 -5.81 -17.86 6.41
CA ASP A 105 -6.45 -16.83 5.60
C ASP A 105 -5.88 -15.45 5.88
N GLN A 106 -5.54 -15.15 7.13
CA GLN A 106 -4.92 -13.89 7.47
C GLN A 106 -3.58 -13.72 6.75
N ILE A 107 -2.80 -14.80 6.67
CA ILE A 107 -1.53 -14.75 5.96
C ILE A 107 -1.80 -14.70 4.45
N VAL A 108 -2.81 -15.44 3.94
CA VAL A 108 -3.19 -15.43 2.51
C VAL A 108 -3.49 -13.98 2.06
N LEU A 109 -4.34 -13.28 2.84
CA LEU A 109 -4.81 -11.92 2.59
C LEU A 109 -3.71 -10.91 2.65
N LEU A 110 -2.81 -11.03 3.62
CA LEU A 110 -1.72 -10.06 3.74
C LEU A 110 -0.68 -10.31 2.66
N LYS A 111 -0.33 -11.57 2.45
CA LYS A 111 0.65 -11.93 1.43
C LYS A 111 0.20 -11.56 0.01
N ALA A 112 -1.06 -11.07 -0.21
CA ALA A 112 -1.52 -10.59 -1.52
C ALA A 112 -1.83 -9.07 -1.45
N GLY A 113 -2.53 -8.68 -0.40
CA GLY A 113 -3.00 -7.33 -0.19
C GLY A 113 -1.94 -6.33 0.19
N ALA A 114 -1.12 -6.62 1.22
CA ALA A 114 -0.09 -5.72 1.77
C ALA A 114 0.60 -4.80 0.73
N MET A 115 1.14 -5.34 -0.37
CA MET A 115 1.80 -4.51 -1.39
C MET A 115 0.83 -3.53 -2.09
N GLU A 116 -0.35 -4.03 -2.49
CA GLU A 116 -1.38 -3.24 -3.15
C GLU A 116 -1.93 -2.16 -2.22
N VAL A 117 -2.01 -2.43 -0.91
CA VAL A 117 -2.47 -1.43 0.05
C VAL A 117 -1.43 -0.32 0.12
N VAL A 118 -0.13 -0.68 0.12
CA VAL A 118 0.98 0.27 0.14
C VAL A 118 0.92 1.10 -1.12
N LEU A 119 0.77 0.46 -2.29
CA LEU A 119 0.66 1.18 -3.57
C LEU A 119 -0.53 2.13 -3.60
N VAL A 120 -1.61 1.87 -2.84
CA VAL A 120 -2.72 2.81 -2.80
C VAL A 120 -2.34 3.96 -1.85
N ARG A 121 -2.03 3.64 -0.60
CA ARG A 121 -1.67 4.59 0.46
C ARG A 121 -0.58 5.60 0.07
N MET A 122 0.28 5.26 -0.89
CA MET A 122 1.39 6.13 -1.27
C MET A 122 0.97 7.39 -2.05
N CYS A 123 -0.28 7.45 -2.51
CA CYS A 123 -0.75 8.63 -3.22
C CYS A 123 -0.83 9.86 -2.29
N ARG A 124 -1.00 9.65 -0.97
CA ARG A 124 -1.02 10.77 -0.01
C ARG A 124 0.33 11.51 0.09
N ALA A 125 1.41 10.89 -0.35
CA ALA A 125 2.72 11.51 -0.32
C ALA A 125 3.22 11.76 -1.74
N TYR A 126 2.32 12.06 -2.69
CA TYR A 126 2.66 12.38 -4.08
C TYR A 126 2.04 13.73 -4.38
N ASN A 127 2.84 14.67 -4.89
CA ASN A 127 2.39 16.01 -5.23
C ASN A 127 2.23 16.04 -6.73
N ALA A 128 0.98 16.19 -7.20
CA ALA A 128 0.71 16.14 -8.64
C ALA A 128 1.08 17.40 -9.41
N ASP A 129 1.32 18.52 -8.70
CA ASP A 129 1.69 19.80 -9.33
C ASP A 129 3.15 19.79 -9.83
N ASN A 130 4.04 19.17 -9.07
CA ASN A 130 5.44 19.06 -9.47
C ASN A 130 5.86 17.63 -9.82
N ARG A 131 4.90 16.66 -9.80
CA ARG A 131 5.10 15.23 -10.06
C ARG A 131 6.23 14.64 -9.15
N THR A 132 6.14 14.88 -7.82
CA THR A 132 7.14 14.41 -6.84
C THR A 132 6.52 13.57 -5.72
N VAL A 133 7.34 12.87 -4.91
CA VAL A 133 6.90 12.07 -3.78
C VAL A 133 7.74 12.33 -2.56
N PHE A 134 7.15 12.24 -1.36
CA PHE A 134 7.89 12.43 -0.12
C PHE A 134 8.73 11.18 0.14
N PHE A 135 10.04 11.37 0.16
CA PHE A 135 10.99 10.29 0.36
C PHE A 135 12.12 10.83 1.20
N GLU A 136 12.43 10.15 2.33
CA GLU A 136 13.52 10.50 3.23
C GLU A 136 13.54 12.00 3.60
N GLY A 137 12.44 12.49 4.16
CA GLY A 137 12.34 13.88 4.63
C GLY A 137 11.98 14.96 3.63
N LYS A 138 12.09 14.70 2.31
CA LYS A 138 11.84 15.73 1.31
C LYS A 138 11.12 15.17 0.06
N TYR A 139 10.51 16.04 -0.75
CA TYR A 139 9.86 15.61 -1.98
C TYR A 139 10.81 15.54 -3.18
N GLY A 140 10.75 14.47 -3.95
CA GLY A 140 11.60 14.30 -5.11
C GLY A 140 10.88 13.59 -6.25
N GLY A 141 11.33 13.83 -7.47
CA GLY A 141 10.71 13.23 -8.67
C GLY A 141 11.22 11.85 -9.02
N MET A 142 10.78 11.35 -10.16
CA MET A 142 11.14 10.03 -10.65
C MET A 142 12.67 9.80 -10.71
N GLU A 143 13.42 10.84 -11.09
CA GLU A 143 14.87 10.86 -11.29
C GLU A 143 15.67 10.50 -10.05
N LEU A 144 15.08 10.64 -8.87
CA LEU A 144 15.68 10.33 -7.58
C LEU A 144 15.99 8.84 -7.44
N PHE A 145 15.19 7.98 -8.05
CA PHE A 145 15.35 6.53 -7.93
C PHE A 145 16.04 5.89 -9.13
N ARG A 146 16.79 6.69 -9.92
CA ARG A 146 17.47 6.25 -11.14
C ARG A 146 18.50 5.15 -10.91
N ALA A 147 19.08 5.12 -9.72
CA ALA A 147 20.11 4.13 -9.36
C ALA A 147 19.58 2.71 -9.25
N LEU A 148 18.24 2.55 -9.16
CA LEU A 148 17.60 1.26 -9.02
C LEU A 148 17.62 0.42 -10.27
N GLY A 149 17.68 1.06 -11.43
CA GLY A 149 17.77 0.34 -12.69
C GLY A 149 16.51 -0.46 -12.95
N CYS A 150 15.39 0.25 -12.89
CA CYS A 150 14.05 -0.27 -13.15
C CYS A 150 13.12 0.92 -13.41
N SER A 151 13.56 1.84 -14.30
CA SER A 151 12.86 3.08 -14.68
C SER A 151 11.41 2.87 -15.02
N GLU A 152 11.11 1.74 -15.69
CA GLU A 152 9.77 1.32 -16.10
C GLU A 152 8.85 1.11 -14.89
N LEU A 153 9.32 0.42 -13.85
CA LEU A 153 8.56 0.20 -12.63
C LEU A 153 8.36 1.51 -11.87
N ILE A 154 9.37 2.38 -11.86
CA ILE A 154 9.29 3.68 -11.19
C ILE A 154 8.23 4.51 -11.89
N SER A 155 8.24 4.52 -13.23
CA SER A 155 7.27 5.21 -14.08
C SER A 155 5.86 4.74 -13.74
N SER A 156 5.65 3.42 -13.68
CA SER A 156 4.38 2.80 -13.35
C SER A 156 3.91 3.16 -11.93
N ILE A 157 4.82 3.21 -10.96
CA ILE A 157 4.47 3.58 -9.60
C ILE A 157 4.03 5.06 -9.55
N PHE A 158 4.76 5.95 -10.23
CA PHE A 158 4.42 7.36 -10.27
C PHE A 158 3.12 7.65 -11.05
N ASP A 159 2.90 6.93 -12.16
CA ASP A 159 1.69 7.04 -13.00
C ASP A 159 0.48 6.51 -12.26
N PHE A 160 0.65 5.46 -11.45
CA PHE A 160 -0.46 4.92 -10.66
C PHE A 160 -0.85 5.93 -9.60
N SER A 161 0.15 6.51 -8.92
CA SER A 161 -0.11 7.52 -7.91
C SER A 161 -0.75 8.74 -8.53
N HIS A 162 -0.37 9.09 -9.76
CA HIS A 162 -0.91 10.23 -10.48
C HIS A 162 -2.43 10.08 -10.70
N SER A 163 -2.86 8.91 -11.20
CA SER A 163 -4.27 8.61 -11.46
C SER A 163 -5.10 8.50 -10.17
N LEU A 164 -4.51 7.94 -9.12
CA LEU A 164 -5.19 7.80 -7.84
C LEU A 164 -5.38 9.16 -7.17
N SER A 165 -4.39 10.04 -7.31
CA SER A 165 -4.48 11.38 -6.73
C SER A 165 -5.55 12.21 -7.42
N ALA A 166 -5.77 11.98 -8.74
CA ALA A 166 -6.79 12.67 -9.53
C ALA A 166 -8.22 12.39 -9.06
N LEU A 167 -8.41 11.37 -8.23
CA LEU A 167 -9.71 11.08 -7.64
C LEU A 167 -9.99 12.07 -6.49
N HIS A 168 -8.95 12.67 -5.87
CA HIS A 168 -9.05 13.58 -4.72
C HIS A 168 -9.73 12.88 -3.60
N PHE A 169 -9.08 11.80 -3.15
CA PHE A 169 -9.60 10.95 -2.11
C PHE A 169 -9.80 11.68 -0.80
N SER A 170 -10.80 11.27 -0.05
CA SER A 170 -10.96 11.77 1.31
C SER A 170 -10.26 10.72 2.19
N GLU A 171 -10.01 11.03 3.46
CA GLU A 171 -9.39 10.06 4.35
C GLU A 171 -10.32 8.86 4.55
N ASP A 172 -11.64 9.08 4.67
CA ASP A 172 -12.59 7.97 4.78
C ASP A 172 -12.61 7.09 3.53
N GLU A 173 -12.54 7.71 2.35
CA GLU A 173 -12.56 6.98 1.08
C GLU A 173 -11.33 6.09 0.91
N ILE A 174 -10.15 6.67 1.17
CA ILE A 174 -8.89 5.97 1.07
C ILE A 174 -8.83 4.80 2.10
N ALA A 175 -9.52 4.95 3.24
CA ALA A 175 -9.60 3.96 4.29
C ALA A 175 -10.45 2.74 3.85
N LEU A 176 -11.67 2.99 3.32
CA LEU A 176 -12.59 1.94 2.91
C LEU A 176 -12.07 1.23 1.67
N TYR A 177 -11.51 2.00 0.72
CA TYR A 177 -10.97 1.41 -0.48
C TYR A 177 -9.80 0.46 -0.16
N THR A 178 -8.92 0.82 0.80
CA THR A 178 -7.79 -0.05 1.16
C THR A 178 -8.22 -1.29 1.90
N ALA A 179 -9.26 -1.18 2.77
CA ALA A 179 -9.79 -2.37 3.44
C ALA A 179 -10.36 -3.34 2.37
N LEU A 180 -10.99 -2.81 1.32
CA LEU A 180 -11.50 -3.61 0.22
C LEU A 180 -10.37 -4.23 -0.58
N VAL A 181 -9.26 -3.51 -0.77
CA VAL A 181 -8.06 -4.07 -1.43
C VAL A 181 -7.56 -5.31 -0.64
N LEU A 182 -7.55 -5.16 0.68
CA LEU A 182 -7.08 -6.20 1.58
C LEU A 182 -8.00 -7.40 1.65
N ILE A 183 -9.29 -7.16 1.89
CA ILE A 183 -10.30 -8.21 2.00
C ILE A 183 -10.86 -8.60 0.62
N ASN A 184 -10.26 -9.62 -0.01
CA ASN A 184 -10.67 -10.10 -1.31
C ASN A 184 -10.93 -11.58 -1.25
N ALA A 185 -12.17 -12.05 -1.47
CA ALA A 185 -12.44 -13.49 -1.43
C ALA A 185 -11.91 -14.26 -2.66
N HIS A 186 -11.43 -13.55 -3.69
CA HIS A 186 -10.88 -14.18 -4.90
C HIS A 186 -9.36 -14.52 -4.73
N ARG A 187 -8.90 -14.75 -3.48
CA ARG A 187 -7.49 -15.07 -3.28
C ARG A 187 -7.31 -16.55 -3.19
N PRO A 188 -6.42 -17.12 -4.02
CA PRO A 188 -6.13 -18.55 -3.94
C PRO A 188 -5.52 -18.93 -2.61
N GLY A 189 -6.07 -19.96 -1.98
CA GLY A 189 -5.59 -20.42 -0.68
C GLY A 189 -6.51 -20.18 0.50
N LEU A 190 -7.68 -19.59 0.27
CA LEU A 190 -8.63 -19.32 1.35
C LEU A 190 -9.37 -20.57 1.79
N GLN A 191 -9.23 -20.90 3.07
CA GLN A 191 -9.86 -22.06 3.70
C GLN A 191 -11.31 -21.76 4.01
N GLU A 192 -11.56 -20.57 4.57
CA GLU A 192 -12.92 -20.17 4.91
C GLU A 192 -13.38 -19.07 3.96
N LYS A 193 -13.40 -19.39 2.67
CA LYS A 193 -13.81 -18.46 1.62
C LYS A 193 -15.13 -17.72 1.92
N ARG A 194 -16.17 -18.44 2.36
CA ARG A 194 -17.46 -17.83 2.65
C ARG A 194 -17.41 -16.82 3.79
N LYS A 195 -16.48 -16.99 4.74
CA LYS A 195 -16.35 -16.05 5.85
C LYS A 195 -15.77 -14.72 5.32
N VAL A 196 -14.78 -14.81 4.43
CA VAL A 196 -14.17 -13.63 3.82
C VAL A 196 -15.20 -12.95 2.88
N GLU A 197 -15.99 -13.75 2.15
CA GLU A 197 -17.02 -13.25 1.25
C GLU A 197 -18.03 -12.36 1.99
N GLN A 198 -18.38 -12.75 3.22
CA GLN A 198 -19.34 -11.99 4.02
C GLN A 198 -18.75 -10.65 4.44
N LEU A 199 -17.47 -10.65 4.83
CA LEU A 199 -16.77 -9.42 5.24
C LEU A 199 -16.51 -8.48 4.09
N GLN A 200 -16.17 -9.02 2.93
CA GLN A 200 -15.94 -8.25 1.72
C GLN A 200 -17.24 -7.55 1.32
N TYR A 201 -18.38 -8.25 1.45
CA TYR A 201 -19.69 -7.70 1.14
C TYR A 201 -20.08 -6.60 2.13
N ASN A 202 -19.82 -6.80 3.44
CA ASN A 202 -20.16 -5.76 4.42
C ASN A 202 -19.33 -4.50 4.17
N LEU A 203 -18.03 -4.68 3.82
CA LEU A 203 -17.11 -3.59 3.52
C LEU A 203 -17.43 -2.92 2.18
N GLU A 204 -18.02 -3.66 1.22
CA GLU A 204 -18.44 -3.10 -0.08
C GLU A 204 -19.63 -2.17 0.17
N LEU A 205 -20.63 -2.67 0.94
CA LEU A 205 -21.81 -1.96 1.33
C LEU A 205 -21.45 -0.68 2.08
N ALA A 206 -20.51 -0.78 3.04
CA ALA A 206 -20.06 0.35 3.84
C ALA A 206 -19.42 1.41 2.97
N PHE A 207 -18.60 0.98 2.00
CA PHE A 207 -17.92 1.89 1.09
C PHE A 207 -18.97 2.59 0.21
N HIS A 208 -19.88 1.82 -0.38
CA HIS A 208 -20.92 2.37 -1.23
C HIS A 208 -21.85 3.29 -0.46
N HIS A 209 -22.16 3.01 0.81
CA HIS A 209 -23.04 3.86 1.62
C HIS A 209 -22.39 5.19 1.92
N HIS A 210 -21.08 5.19 2.18
CA HIS A 210 -20.38 6.44 2.43
C HIS A 210 -20.33 7.28 1.15
N LEU A 211 -20.10 6.64 0.00
CA LEU A 211 -20.05 7.34 -1.27
C LEU A 211 -21.42 7.92 -1.62
N CYS A 212 -22.48 7.16 -1.34
CA CYS A 212 -23.86 7.57 -1.50
C CYS A 212 -24.14 8.81 -0.63
N LYS A 213 -24.03 8.67 0.70
CA LYS A 213 -24.23 9.71 1.70
C LYS A 213 -23.43 10.99 1.40
N THR A 214 -22.16 10.87 0.96
CA THR A 214 -21.32 12.02 0.66
C THR A 214 -21.36 12.50 -0.78
N HIS A 215 -22.25 11.90 -1.61
CA HIS A 215 -22.47 12.25 -3.03
C HIS A 215 -21.18 12.16 -3.81
N ARG A 216 -20.51 11.02 -3.65
CA ARG A 216 -19.24 10.68 -4.24
C ARG A 216 -19.27 9.36 -5.02
N GLN A 217 -20.46 8.91 -5.49
CA GLN A 217 -20.54 7.66 -6.26
C GLN A 217 -19.80 7.75 -7.62
N SER A 218 -19.58 8.98 -8.11
CA SER A 218 -18.91 9.23 -9.37
C SER A 218 -17.54 8.54 -9.47
N ILE A 219 -16.78 8.51 -8.36
CA ILE A 219 -15.44 7.93 -8.34
C ILE A 219 -15.40 6.45 -8.65
N LEU A 220 -16.47 5.70 -8.41
CA LEU A 220 -16.51 4.27 -8.68
C LEU A 220 -16.01 3.88 -10.07
N ALA A 221 -16.56 4.52 -11.11
CA ALA A 221 -16.12 4.25 -12.47
C ALA A 221 -14.72 4.85 -12.76
N LYS A 222 -14.32 5.90 -12.04
CA LYS A 222 -13.02 6.52 -12.22
C LYS A 222 -11.88 5.71 -11.53
N LEU A 223 -12.19 4.80 -10.58
CA LEU A 223 -11.23 3.99 -9.80
C LEU A 223 -10.34 3.10 -10.67
N PRO A 224 -9.16 2.65 -10.18
CA PRO A 224 -8.28 1.83 -11.03
C PRO A 224 -8.82 0.43 -11.31
N PRO A 225 -8.58 -0.07 -12.54
CA PRO A 225 -9.11 -1.39 -12.89
C PRO A 225 -8.35 -2.55 -12.30
N LYS A 226 -9.02 -3.72 -12.26
CA LYS A 226 -8.58 -5.00 -11.73
C LYS A 226 -7.04 -5.24 -11.79
N GLY A 227 -6.48 -5.33 -12.99
CA GLY A 227 -5.06 -5.63 -13.16
C GLY A 227 -4.10 -4.47 -13.01
N LYS A 228 -4.57 -3.23 -12.72
CA LYS A 228 -3.63 -2.12 -12.58
C LYS A 228 -2.74 -2.33 -11.36
N LEU A 229 -3.34 -2.68 -10.20
CA LEU A 229 -2.60 -2.95 -8.96
C LEU A 229 -1.82 -4.25 -9.06
N ARG A 230 -2.47 -5.26 -9.66
CA ARG A 230 -1.92 -6.58 -9.86
C ARG A 230 -0.69 -6.55 -10.77
N SER A 231 -0.64 -5.65 -11.79
CA SER A 231 0.53 -5.55 -12.68
C SER A 231 1.73 -4.89 -11.99
N LEU A 232 1.49 -3.95 -11.06
CA LEU A 232 2.59 -3.31 -10.35
C LEU A 232 3.32 -4.33 -9.46
N CYS A 233 2.56 -5.18 -8.78
CA CYS A 233 3.13 -6.21 -7.92
C CYS A 233 3.94 -7.21 -8.70
N SER A 234 3.49 -7.55 -9.91
CA SER A 234 4.20 -8.48 -10.77
C SER A 234 5.45 -7.85 -11.30
N GLN A 235 5.39 -6.55 -11.68
CA GLN A 235 6.55 -5.79 -12.15
C GLN A 235 7.61 -5.73 -11.05
N HIS A 236 7.18 -5.50 -9.79
CA HIS A 236 8.02 -5.42 -8.60
C HIS A 236 8.72 -6.75 -8.34
N VAL A 237 7.98 -7.85 -8.39
CA VAL A 237 8.55 -9.17 -8.13
C VAL A 237 9.44 -9.61 -9.31
N GLU A 238 9.14 -9.17 -10.55
CA GLU A 238 9.98 -9.45 -11.71
C GLU A 238 11.30 -8.69 -11.52
N ARG A 239 11.23 -7.40 -11.13
CA ARG A 239 12.42 -6.58 -10.95
C ARG A 239 13.25 -6.98 -9.75
N LEU A 240 12.63 -7.58 -8.71
CA LEU A 240 13.39 -8.06 -7.57
C LEU A 240 14.06 -9.37 -7.96
N GLN A 241 13.35 -10.33 -8.59
CA GLN A 241 13.97 -11.59 -9.04
C GLN A 241 15.21 -11.35 -9.92
N ILE A 242 15.24 -10.18 -10.61
CA ILE A 242 16.35 -9.70 -11.44
C ILE A 242 17.53 -9.22 -10.55
N PHE A 243 17.26 -8.30 -9.60
CA PHE A 243 18.29 -7.82 -8.68
C PHE A 243 18.83 -8.97 -7.84
N GLN A 244 17.94 -9.75 -7.21
CA GLN A 244 18.24 -10.91 -6.35
C GLN A 244 19.16 -11.91 -7.04
N HIS A 245 19.11 -12.01 -8.38
CA HIS A 245 19.99 -12.88 -9.14
C HIS A 245 21.41 -12.27 -9.21
N LEU A 246 21.54 -10.96 -9.43
CA LEU A 246 22.83 -10.28 -9.52
C LEU A 246 23.50 -10.14 -8.17
N HIS A 247 22.71 -9.88 -7.12
CA HIS A 247 23.25 -9.68 -5.79
C HIS A 247 22.49 -10.52 -4.75
N PRO A 248 22.59 -11.86 -4.82
CA PRO A 248 21.89 -12.70 -3.84
C PRO A 248 22.35 -12.58 -2.41
N ILE A 249 23.63 -12.22 -2.16
CA ILE A 249 24.11 -12.12 -0.77
C ILE A 249 23.62 -10.79 -0.11
N VAL A 250 23.44 -9.73 -0.91
CA VAL A 250 22.90 -8.44 -0.49
C VAL A 250 21.49 -8.66 0.05
N VAL A 251 20.68 -9.48 -0.64
CA VAL A 251 19.33 -9.76 -0.19
C VAL A 251 19.31 -10.50 1.14
N GLN A 252 20.12 -11.55 1.28
CA GLN A 252 20.18 -12.31 2.52
C GLN A 252 20.69 -11.50 3.74
N ALA A 253 21.77 -10.73 3.56
CA ALA A 253 22.37 -9.98 4.64
C ALA A 253 21.78 -8.59 4.90
N ALA A 254 21.39 -7.87 3.84
CA ALA A 254 20.90 -6.50 4.01
C ALA A 254 19.44 -6.24 3.68
N PHE A 255 18.65 -7.28 3.34
CA PHE A 255 17.22 -7.04 3.11
C PHE A 255 16.43 -7.44 4.35
N PRO A 256 15.35 -6.74 4.71
CA PRO A 256 14.60 -7.14 5.92
C PRO A 256 13.97 -8.53 5.76
N PRO A 257 13.84 -9.29 6.85
CA PRO A 257 13.28 -10.65 6.74
C PRO A 257 11.80 -10.70 6.33
N LEU A 258 11.03 -9.63 6.60
CA LEU A 258 9.62 -9.59 6.18
C LEU A 258 9.54 -9.37 4.65
N TYR A 259 10.47 -8.57 4.08
CA TYR A 259 10.54 -8.32 2.64
C TYR A 259 10.80 -9.63 1.91
N LYS A 260 11.75 -10.41 2.42
CA LYS A 260 12.11 -11.68 1.82
C LYS A 260 10.95 -12.71 1.92
N GLU A 261 10.22 -12.71 3.06
CA GLU A 261 9.09 -13.62 3.23
C GLU A 261 7.97 -13.30 2.23
N LEU A 262 7.71 -12.01 2.01
CA LEU A 262 6.64 -11.62 1.11
C LEU A 262 7.01 -11.64 -0.37
N PHE A 263 8.29 -11.43 -0.72
CA PHE A 263 8.66 -11.26 -2.13
C PHE A 263 9.75 -12.21 -2.70
N SER A 264 10.41 -13.01 -1.87
CA SER A 264 11.47 -13.91 -2.38
C SER A 264 11.06 -15.38 -2.50
N LYS A 277 5.94 -17.03 9.39
CA LYS A 277 7.28 -16.72 9.84
C LYS A 277 7.27 -15.35 10.59
N ILE A 278 7.72 -14.22 9.97
CA ILE A 278 7.68 -12.88 10.60
C ILE A 278 6.22 -12.52 10.85
N LEU A 279 5.37 -12.76 9.83
CA LEU A 279 3.95 -12.50 9.84
C LEU A 279 3.25 -13.21 10.99
N HIS A 280 3.68 -14.42 11.36
CA HIS A 280 3.11 -15.15 12.50
C HIS A 280 3.37 -14.36 13.79
N ARG A 281 4.60 -13.83 13.93
CA ARG A 281 4.99 -13.05 15.12
C ARG A 281 4.23 -11.74 15.20
N LEU A 282 4.15 -10.99 14.10
CA LEU A 282 3.45 -9.70 14.07
C LEU A 282 1.97 -9.90 14.34
N LEU A 283 1.37 -10.99 13.80
CA LEU A 283 -0.04 -11.28 13.96
C LEU A 283 -0.40 -11.53 15.42
N GLN A 284 0.28 -12.49 16.07
CA GLN A 284 0.05 -12.75 17.49
C GLN A 284 0.93 -11.78 18.29
N GLU A 285 0.44 -10.54 18.42
CA GLU A 285 1.08 -9.44 19.13
C GLU A 285 0.06 -8.34 19.45
C1 Z8G B . 9.64 0.08 -4.02
C2 Z8G B . 10.37 0.47 -2.91
C3 Z8G B . 9.87 1.42 -2.04
C4 Z8G B . 8.63 2.01 -2.25
C5 Z8G B . 7.87 1.61 -3.37
C6 Z8G B . 8.39 0.66 -4.22
C7 Z8G B . 8.05 3.07 -1.32
C8 Z8G B . 6.53 3.41 -1.46
C9 Z8G B . 5.73 2.48 -2.39
C10 Z8G B . 6.52 2.21 -3.66
C11 Z8G B . 8.24 2.62 0.15
C12 Z8G B . 6.82 2.37 0.68
C13 Z8G B . 5.99 3.45 -0.03
S14 Z8G B . 9.15 4.61 -1.69
C15 Z8G B . 10.20 -0.94 -5.01
F16 Z8G B . 9.18 -1.68 -5.58
O17 Z8G B . 8.53 5.75 -1.06
O18 Z8G B . 10.51 4.27 -1.34
C19 Z8G B . 9.07 4.83 -3.44
C20 Z8G B . 9.96 4.15 -4.25
C21 Z8G B . 9.90 4.33 -5.61
C22 Z8G B . 8.95 5.16 -6.13
C23 Z8G B . 8.06 5.85 -5.34
C24 Z8G B . 8.11 5.68 -3.97
N25 Z8G B . 6.11 4.76 0.63
C26 Z8G B . 5.10 5.32 1.29
C27 Z8G B . 5.34 6.74 1.82
O28 Z8G B . 4.03 4.76 1.46
O29 Z8G B . 5.88 7.56 0.78
C30 Z8G B . 6.36 6.67 2.96
C31 Z8G B . 4.03 7.36 2.30
F32 Z8G B . 8.87 5.31 -7.48
C33 Z8G B . 11.13 -1.97 -4.32
C34 Z8G B . 10.87 -0.21 -6.20
F35 Z8G B . 10.55 -2.53 -3.26
F36 Z8G B . 12.27 -1.42 -3.91
F37 Z8G B . 11.45 -2.96 -5.17
F38 Z8G B . 9.98 0.41 -6.95
F39 Z8G B . 11.54 -1.06 -6.97
F40 Z8G B . 11.74 0.70 -5.79
H41 Z8G B . 11.35 0.06 -2.66
H42 Z8G B . 10.49 1.70 -1.19
H43 Z8G B . 7.79 0.36 -5.08
H44 Z8G B . 6.44 4.39 -1.92
H46 Z8G B . 4.76 2.93 -2.63
H45 Z8G B . 5.49 1.55 -1.89
H47 Z8G B . 5.94 1.54 -4.31
H48 Z8G B . 6.66 3.12 -4.23
H49 Z8G B . 8.85 1.73 0.28
H50 Z8G B . 8.74 3.40 0.74
H52 Z8G B . 6.76 2.42 1.78
H51 Z8G B . 6.46 1.37 0.42
H53 Z8G B . 4.94 3.15 -0.01
H54 Z8G B . 10.72 3.50 -3.82
H55 Z8G B . 10.61 3.81 -6.27
H56 Z8G B . 7.32 6.53 -5.79
H57 Z8G B . 7.41 6.21 -3.33
H58 Z8G B . 6.99 5.23 0.55
H59 Z8G B . 6.05 8.45 1.18
H62 Z8G B . 7.32 6.24 2.63
H61 Z8G B . 6.00 6.06 3.80
H60 Z8G B . 6.59 7.65 3.37
H63 Z8G B . 4.17 8.39 2.64
H64 Z8G B . 3.61 6.80 3.14
H65 Z8G B . 3.29 7.38 1.51
#